data_2Y6W
#
_entry.id   2Y6W
#
_cell.length_a   76.227
_cell.length_b   76.227
_cell.length_c   112.847
_cell.angle_alpha   90.00
_cell.angle_beta   90.00
_cell.angle_gamma   90.00
#
_symmetry.space_group_name_H-M   'P 43 21 2'
#
loop_
_entity.id
_entity.type
_entity.pdbx_description
1 polymer 'BCL-2-LIKE PROTEIN 2'
2 non-polymer DI(HYDROXYETHYL)ETHER
3 non-polymer 'TRIETHYLENE GLYCOL'
4 water water
#
_entity_poly.entity_id   1
_entity_poly.type   'polypeptide(L)'
_entity_poly.pdbx_seq_one_letter_code
;MGSHHHHHHGARQMATPASAPDTRALVADFVGYKLRQKGYVSGAGPGEGPAADPLHQAMRAAGDEFETRFRRTFSDLAAQ
LHVTPGSAQQRFTQVSDELFQGGPNWGRLVAFFVFGAALCAESVNKEMEPLVGQVQEWMVEYLETRLADWIHSSGGWAEF
TALYGDGALEEARRLRE
;
_entity_poly.pdbx_strand_id   A,B
#
loop_
_chem_comp.id
_chem_comp.type
_chem_comp.name
_chem_comp.formula
PEG non-polymer DI(HYDROXYETHYL)ETHER 'C4 H10 O3'
PGE non-polymer 'TRIETHYLENE GLYCOL' 'C6 H14 O4'
#
# COMPACT_ATOMS: atom_id res chain seq x y z
N ALA A 20 -2.67 -10.04 28.59
CA ALA A 20 -2.16 -9.79 27.24
C ALA A 20 -2.34 -11.01 26.35
N PRO A 21 -2.69 -10.79 25.08
CA PRO A 21 -2.97 -11.90 24.14
C PRO A 21 -1.72 -12.69 23.79
N ASP A 22 -1.92 -13.92 23.36
CA ASP A 22 -0.84 -14.79 22.92
C ASP A 22 -0.47 -14.35 21.51
N THR A 23 0.57 -13.54 21.42
CA THR A 23 1.01 -12.91 20.19
C THR A 23 1.42 -13.93 19.11
N ARG A 24 2.11 -14.98 19.53
CA ARG A 24 2.54 -16.03 18.63
C ARG A 24 1.33 -16.66 17.94
N ALA A 25 0.27 -16.87 18.71
CA ALA A 25 -0.91 -17.53 18.19
C ALA A 25 -1.66 -16.60 17.23
N LEU A 26 -1.66 -15.32 17.54
CA LEU A 26 -2.31 -14.34 16.68
C LEU A 26 -1.58 -14.26 15.34
N VAL A 27 -0.27 -14.10 15.42
CA VAL A 27 0.56 -14.05 14.21
C VAL A 27 0.37 -15.35 13.38
N ALA A 28 0.42 -16.50 14.03
CA ALA A 28 0.24 -17.76 13.28
C ALA A 28 -1.12 -17.81 12.61
N ASP A 29 -2.15 -17.36 13.32
CA ASP A 29 -3.50 -17.46 12.77
C ASP A 29 -3.62 -16.56 11.56
N PHE A 30 -3.12 -15.33 11.68
CA PHE A 30 -3.31 -14.36 10.60
C PHE A 30 -2.51 -14.78 9.35
N VAL A 31 -1.27 -15.17 9.55
CA VAL A 31 -0.44 -15.56 8.43
C VAL A 31 -0.99 -16.84 7.80
N GLY A 32 -1.43 -17.79 8.62
CA GLY A 32 -1.95 -19.03 8.08
C GLY A 32 -3.26 -18.81 7.30
N TYR A 33 -4.08 -17.91 7.82
CA TYR A 33 -5.32 -17.51 7.16
C TYR A 33 -5.01 -16.96 5.77
N LYS A 34 -4.08 -16.01 5.71
CA LYS A 34 -3.66 -15.43 4.42
C LYS A 34 -3.00 -16.43 3.43
N LEU A 35 -2.11 -17.29 3.90
CA LEU A 35 -1.49 -18.27 3.02
C LEU A 35 -2.54 -19.23 2.43
N ARG A 36 -3.49 -19.61 3.25
CA ARG A 36 -4.56 -20.49 2.79
C ARG A 36 -5.50 -19.77 1.84
N GLN A 37 -5.87 -18.55 2.19
CA GLN A 37 -6.75 -17.75 1.37
C GLN A 37 -6.19 -17.55 -0.03
N LYS A 38 -4.87 -17.49 -0.16
CA LYS A 38 -4.30 -17.26 -1.47
C LYS A 38 -3.72 -18.54 -2.15
N GLY A 39 -3.93 -19.68 -1.51
CA GLY A 39 -3.63 -20.95 -2.14
C GLY A 39 -2.20 -21.41 -1.99
N TYR A 40 -1.42 -20.77 -1.12
CA TYR A 40 -0.03 -21.19 -0.92
C TYR A 40 0.10 -22.42 -0.03
N VAL A 41 -0.82 -22.59 0.92
CA VAL A 41 -0.85 -23.81 1.70
C VAL A 41 -2.28 -24.28 1.89
N SER A 42 -2.45 -25.55 2.24
CA SER A 42 -3.77 -26.10 2.54
C SER A 42 -3.68 -27.08 3.70
N GLY A 43 -4.82 -27.38 4.30
CA GLY A 43 -4.83 -28.39 5.34
C GLY A 43 -5.00 -27.78 6.72
N ALA A 44 -5.03 -28.66 7.72
CA ALA A 44 -5.25 -28.25 9.09
C ALA A 44 -4.18 -27.29 9.58
N GLY A 45 -4.54 -26.42 10.52
CA GLY A 45 -3.56 -25.56 11.13
C GLY A 45 -4.07 -24.14 11.32
N PRO A 46 -3.26 -23.29 11.95
CA PRO A 46 -3.72 -21.92 12.23
C PRO A 46 -4.22 -21.25 10.96
N GLY A 47 -5.40 -20.67 11.04
CA GLY A 47 -5.94 -19.90 9.93
C GLY A 47 -6.86 -20.69 9.02
N GLU A 48 -6.93 -21.99 9.25
CA GLU A 48 -7.83 -22.88 8.53
C GLU A 48 -9.04 -23.03 9.45
N GLY A 49 -10.20 -22.64 8.97
CA GLY A 49 -11.41 -22.77 9.72
C GLY A 49 -11.67 -21.59 10.62
N PRO A 50 -12.70 -21.70 11.47
CA PRO A 50 -13.11 -20.59 12.33
C PRO A 50 -12.00 -20.20 13.30
N ALA A 51 -11.88 -18.90 13.55
CA ALA A 51 -10.95 -18.40 14.56
C ALA A 51 -11.57 -18.69 15.92
N ALA A 52 -10.76 -19.15 16.87
CA ALA A 52 -11.27 -19.48 18.19
C ALA A 52 -11.25 -18.27 19.10
N ASP A 53 -10.48 -17.25 18.74
CA ASP A 53 -10.28 -16.08 19.59
C ASP A 53 -10.79 -14.87 18.83
N PRO A 54 -11.61 -14.02 19.48
CA PRO A 54 -12.16 -12.80 18.88
C PRO A 54 -11.10 -11.85 18.31
N LEU A 55 -9.95 -11.78 18.96
CA LEU A 55 -8.88 -10.93 18.46
C LEU A 55 -8.38 -11.46 17.11
N HIS A 56 -8.24 -12.77 17.00
CA HIS A 56 -7.86 -13.40 15.73
C HIS A 56 -8.86 -13.07 14.61
N GLN A 57 -10.16 -13.21 14.89
CA GLN A 57 -11.18 -12.90 13.90
C GLN A 57 -11.11 -11.44 13.49
N ALA A 58 -10.89 -10.54 14.46
CA ALA A 58 -10.78 -9.13 14.16
C ALA A 58 -9.61 -8.84 13.24
N MET A 59 -8.46 -9.45 13.51
CA MET A 59 -7.29 -9.20 12.66
C MET A 59 -7.51 -9.75 11.22
N ARG A 60 -8.17 -10.91 11.12
CA ARG A 60 -8.46 -11.48 9.81
C ARG A 60 -9.34 -10.51 9.01
N ALA A 61 -10.39 -10.02 9.65
CA ALA A 61 -11.31 -9.06 9.00
C ALA A 61 -10.61 -7.75 8.63
N ALA A 62 -9.76 -7.27 9.54
CA ALA A 62 -8.98 -6.06 9.30
C ALA A 62 -8.08 -6.21 8.08
N GLY A 63 -7.43 -7.35 8.01
CA GLY A 63 -6.50 -7.62 6.92
C GLY A 63 -7.23 -7.80 5.60
N ASP A 64 -8.41 -8.41 5.64
CA ASP A 64 -9.24 -8.54 4.44
C ASP A 64 -9.68 -7.18 3.88
N GLU A 65 -10.20 -6.31 4.74
CA GLU A 65 -10.59 -4.95 4.38
C GLU A 65 -9.42 -4.20 3.75
N PHE A 66 -8.25 -4.32 4.39
CA PHE A 66 -7.07 -3.60 3.96
C PHE A 66 -6.66 -4.04 2.57
N GLU A 67 -6.63 -5.36 2.36
CA GLU A 67 -6.14 -5.87 1.09
C GLU A 67 -7.18 -5.76 -0.05
N THR A 68 -8.46 -5.57 0.28
CA THR A 68 -9.46 -5.42 -0.79
C THR A 68 -9.87 -3.97 -0.98
N ARG A 69 -9.22 -3.06 -0.28
CA ARG A 69 -9.71 -1.69 -0.29
C ARG A 69 -9.61 -1.04 -1.67
N PHE A 70 -8.54 -1.31 -2.39
CA PHE A 70 -8.41 -0.75 -3.73
C PHE A 70 -9.53 -1.23 -4.62
N ARG A 71 -9.74 -2.55 -4.63
CA ARG A 71 -10.76 -3.13 -5.49
C ARG A 71 -12.14 -2.65 -5.14
N ARG A 72 -12.44 -2.50 -3.84
CA ARG A 72 -13.75 -1.99 -3.42
C ARG A 72 -13.92 -0.51 -3.77
N THR A 73 -12.82 0.24 -3.74
CA THR A 73 -12.83 1.65 -4.12
C THR A 73 -13.13 1.79 -5.61
N PHE A 74 -12.44 1.00 -6.42
CA PHE A 74 -12.69 0.99 -7.85
C PHE A 74 -14.12 0.57 -8.14
N SER A 75 -14.61 -0.46 -7.43
CA SER A 75 -16.00 -0.87 -7.59
C SER A 75 -17.00 0.25 -7.27
N ASP A 76 -16.75 0.98 -6.18
CA ASP A 76 -17.65 2.07 -5.80
C ASP A 76 -17.63 3.22 -6.82
N LEU A 77 -16.43 3.55 -7.31
CA LEU A 77 -16.32 4.60 -8.31
C LEU A 77 -17.01 4.20 -9.62
N ALA A 78 -16.78 2.97 -10.09
CA ALA A 78 -17.41 2.48 -11.33
C ALA A 78 -18.94 2.43 -11.21
N ALA A 79 -19.42 2.13 -10.01
CA ALA A 79 -20.86 2.10 -9.73
C ALA A 79 -21.46 3.52 -9.70
N GLN A 80 -20.68 4.50 -9.27
CA GLN A 80 -21.15 5.88 -9.34
C GLN A 80 -21.34 6.23 -10.82
N LEU A 81 -20.37 5.87 -11.64
CA LEU A 81 -20.45 6.10 -13.09
C LEU A 81 -21.61 5.38 -13.77
N HIS A 82 -21.88 4.15 -13.33
CA HIS A 82 -22.93 3.33 -13.93
C HIS A 82 -24.32 3.69 -13.40
N VAL A 83 -24.36 4.49 -12.34
CA VAL A 83 -25.64 4.79 -11.67
C VAL A 83 -25.96 6.28 -11.52
N THR A 84 -25.04 7.03 -10.92
CA THR A 84 -25.21 8.47 -10.69
C THR A 84 -23.93 9.22 -11.13
N PRO A 85 -23.63 9.21 -12.44
CA PRO A 85 -22.34 9.71 -12.93
C PRO A 85 -22.02 11.09 -12.36
N GLY A 86 -23.07 11.85 -12.10
CA GLY A 86 -22.94 13.22 -11.62
C GLY A 86 -22.24 13.38 -10.29
N SER A 87 -22.31 12.36 -9.43
CA SER A 87 -21.64 12.45 -8.13
C SER A 87 -20.35 11.63 -8.05
N ALA A 88 -19.82 11.20 -9.20
CA ALA A 88 -18.61 10.36 -9.24
C ALA A 88 -17.35 11.12 -8.85
N GLN A 89 -17.19 12.33 -9.38
CA GLN A 89 -16.05 13.17 -9.02
C GLN A 89 -16.02 13.45 -7.52
N GLN A 90 -17.18 13.77 -6.95
CA GLN A 90 -17.31 13.93 -5.51
C GLN A 90 -16.75 12.74 -4.78
N ARG A 91 -17.09 11.53 -5.24
CA ARG A 91 -16.68 10.33 -4.53
C ARG A 91 -15.15 10.18 -4.57
N PHE A 92 -14.60 10.46 -5.74
CA PHE A 92 -13.15 10.40 -5.92
C PHE A 92 -12.47 11.35 -4.93
N THR A 93 -13.05 12.54 -4.78
CA THR A 93 -12.47 13.54 -3.87
C THR A 93 -12.50 13.06 -2.43
N GLN A 94 -13.59 12.41 -2.06
CA GLN A 94 -13.75 11.92 -0.71
C GLN A 94 -12.70 10.87 -0.40
N VAL A 95 -12.54 9.92 -1.32
CA VAL A 95 -11.55 8.85 -1.16
C VAL A 95 -10.12 9.40 -1.15
N SER A 96 -9.84 10.34 -2.05
CA SER A 96 -8.53 11.00 -2.11
C SER A 96 -8.24 11.73 -0.81
N ASP A 97 -9.24 12.48 -0.32
CA ASP A 97 -9.13 13.15 0.97
C ASP A 97 -8.66 12.18 2.03
N GLU A 98 -9.40 11.08 2.15
CA GLU A 98 -9.13 10.02 3.12
C GLU A 98 -7.71 9.49 2.97
N LEU A 99 -7.21 9.50 1.74
CA LEU A 99 -5.88 9.01 1.43
C LEU A 99 -4.80 9.94 2.00
N PHE A 100 -5.06 11.24 1.99
CA PHE A 100 -4.13 12.21 2.55
C PHE A 100 -4.25 12.36 4.07
N GLN A 101 -5.47 12.38 4.59
CA GLN A 101 -5.66 12.35 6.04
C GLN A 101 -4.74 11.28 6.65
N GLY A 102 -4.73 10.11 6.02
CA GLY A 102 -3.96 8.99 6.53
C GLY A 102 -4.65 8.41 7.74
N GLY A 103 -5.21 7.21 7.60
CA GLY A 103 -6.09 6.61 8.59
C GLY A 103 -5.63 6.64 10.05
N PRO A 104 -6.32 5.86 10.91
CA PRO A 104 -6.06 5.85 12.35
C PRO A 104 -4.74 5.14 12.66
N ASN A 105 -4.29 5.22 13.90
CA ASN A 105 -3.09 4.49 14.30
C ASN A 105 -3.22 3.00 14.01
N TRP A 106 -4.40 2.43 14.28
CA TRP A 106 -4.56 0.97 14.18
C TRP A 106 -4.31 0.47 12.76
N GLY A 107 -4.60 1.31 11.79
CA GLY A 107 -4.36 1.00 10.39
C GLY A 107 -2.91 0.68 10.07
N ARG A 108 -1.98 1.28 10.79
CA ARG A 108 -0.56 0.95 10.62
C ARG A 108 -0.23 -0.44 11.16
N LEU A 109 -0.89 -0.84 12.23
CA LEU A 109 -0.72 -2.20 12.76
C LEU A 109 -1.32 -3.24 11.80
N VAL A 110 -2.46 -2.93 11.21
CA VAL A 110 -3.02 -3.79 10.17
C VAL A 110 -2.05 -3.93 8.99
N ALA A 111 -1.47 -2.81 8.58
CA ALA A 111 -0.52 -2.80 7.48
C ALA A 111 0.68 -3.67 7.79
N PHE A 112 1.12 -3.64 9.06
CA PHE A 112 2.24 -4.46 9.53
C PHE A 112 1.90 -5.95 9.42
N PHE A 113 0.72 -6.34 9.87
CA PHE A 113 0.28 -7.74 9.71
C PHE A 113 0.17 -8.15 8.24
N VAL A 114 -0.37 -7.27 7.40
CA VAL A 114 -0.46 -7.58 5.96
C VAL A 114 0.92 -7.75 5.33
N PHE A 115 1.85 -6.87 5.71
CA PHE A 115 3.25 -6.92 5.27
C PHE A 115 3.91 -8.23 5.69
N GLY A 116 3.78 -8.61 6.96
CA GLY A 116 4.36 -9.85 7.43
C GLY A 116 3.79 -11.05 6.67
N ALA A 117 2.47 -11.12 6.51
CA ALA A 117 1.86 -12.21 5.75
C ALA A 117 2.38 -12.25 4.30
N ALA A 118 2.51 -11.08 3.67
CA ALA A 118 3.05 -11.01 2.30
C ALA A 118 4.49 -11.53 2.24
N LEU A 119 5.32 -11.21 3.24
CA LEU A 119 6.65 -11.81 3.27
C LEU A 119 6.58 -13.33 3.33
N CYS A 120 5.70 -13.87 4.16
CA CYS A 120 5.62 -15.33 4.28
C CYS A 120 5.13 -15.94 2.96
N ALA A 121 4.17 -15.27 2.32
CA ALA A 121 3.61 -15.78 1.09
C ALA A 121 4.69 -15.80 0.01
N GLU A 122 5.48 -14.74 -0.03
CA GLU A 122 6.56 -14.64 -0.99
C GLU A 122 7.68 -15.66 -0.67
N SER A 123 7.90 -15.93 0.61
CA SER A 123 8.87 -16.97 0.99
C SER A 123 8.45 -18.33 0.43
N VAL A 124 7.15 -18.63 0.50
CA VAL A 124 6.66 -19.91 0.00
C VAL A 124 6.75 -19.94 -1.52
N ASN A 125 6.24 -18.89 -2.15
CA ASN A 125 6.32 -18.75 -3.60
C ASN A 125 7.76 -18.99 -4.12
N LYS A 126 8.74 -18.46 -3.39
CA LYS A 126 10.13 -18.47 -3.84
C LYS A 126 10.90 -19.65 -3.29
N GLU A 127 10.18 -20.61 -2.72
CA GLU A 127 10.80 -21.81 -2.19
C GLU A 127 11.87 -21.48 -1.14
N MET A 128 11.52 -20.59 -0.21
CA MET A 128 12.40 -20.27 0.90
C MET A 128 11.64 -20.42 2.21
N GLU A 129 11.14 -21.63 2.45
CA GLU A 129 10.25 -21.92 3.57
C GLU A 129 10.80 -21.53 4.95
N PRO A 130 12.12 -21.66 5.17
CA PRO A 130 12.70 -21.28 6.46
C PRO A 130 12.32 -19.86 6.85
N LEU A 131 12.25 -18.99 5.85
CA LEU A 131 11.98 -17.59 6.10
C LEU A 131 10.58 -17.38 6.69
N VAL A 132 9.65 -18.32 6.44
CA VAL A 132 8.29 -18.20 6.99
C VAL A 132 8.35 -18.22 8.51
N GLY A 133 9.03 -19.23 9.06
CA GLY A 133 9.20 -19.35 10.49
C GLY A 133 9.99 -18.19 11.07
N GLN A 134 10.94 -17.68 10.31
CA GLN A 134 11.76 -16.57 10.82
C GLN A 134 10.96 -15.28 10.85
N VAL A 135 10.15 -15.06 9.82
CA VAL A 135 9.33 -13.85 9.77
C VAL A 135 8.29 -13.83 10.88
N GLN A 136 7.66 -14.97 11.13
CA GLN A 136 6.71 -15.03 12.25
C GLN A 136 7.38 -14.73 13.60
N GLU A 137 8.54 -15.32 13.88
CA GLU A 137 9.28 -14.97 15.10
C GLU A 137 9.64 -13.48 15.16
N TRP A 138 10.10 -12.93 14.05
CA TRP A 138 10.40 -11.48 14.02
C TRP A 138 9.16 -10.65 14.29
N MET A 139 8.03 -11.05 13.73
CA MET A 139 6.79 -10.33 13.98
C MET A 139 6.43 -10.38 15.47
N VAL A 140 6.55 -11.57 16.07
CA VAL A 140 6.19 -11.73 17.48
C VAL A 140 7.09 -10.86 18.34
N GLU A 141 8.39 -10.88 18.08
CA GLU A 141 9.34 -10.10 18.89
C GLU A 141 9.07 -8.61 18.75
N TYR A 142 8.77 -8.21 17.51
CA TYR A 142 8.48 -6.84 17.24
C TYR A 142 7.26 -6.38 18.03
N LEU A 143 6.20 -7.17 18.00
CA LEU A 143 4.97 -6.80 18.70
C LEU A 143 5.14 -6.78 20.21
N GLU A 144 5.90 -7.74 20.75
CA GLU A 144 6.01 -7.92 22.19
C GLU A 144 6.98 -6.92 22.82
N THR A 145 7.96 -6.50 22.05
CA THR A 145 9.01 -5.64 22.54
C THR A 145 8.96 -4.26 21.92
N ARG A 146 9.32 -4.20 20.63
CA ARG A 146 9.42 -2.93 19.92
C ARG A 146 8.11 -2.13 19.94
N LEU A 147 6.98 -2.81 19.76
CA LEU A 147 5.73 -2.10 19.57
C LEU A 147 4.82 -2.16 20.80
N ALA A 148 5.28 -2.77 21.89
CA ALA A 148 4.43 -2.93 23.07
C ALA A 148 3.88 -1.59 23.56
N ASP A 149 4.75 -0.60 23.67
CA ASP A 149 4.30 0.71 24.13
C ASP A 149 3.35 1.37 23.15
N TRP A 150 3.63 1.22 21.85
CA TRP A 150 2.77 1.84 20.84
C TRP A 150 1.33 1.27 20.89
N ILE A 151 1.22 -0.03 21.11
CA ILE A 151 -0.08 -0.71 21.17
C ILE A 151 -0.83 -0.25 22.42
N HIS A 152 -0.13 -0.25 23.56
CA HIS A 152 -0.68 0.28 24.80
C HIS A 152 -1.17 1.72 24.64
N SER A 153 -0.31 2.59 24.09
CA SER A 153 -0.67 3.99 23.81
C SER A 153 -1.86 4.13 22.89
N SER A 154 -2.01 3.22 21.93
CA SER A 154 -3.09 3.36 20.96
C SER A 154 -4.38 2.81 21.56
N GLY A 155 -4.29 2.28 22.77
CA GLY A 155 -5.48 1.85 23.49
C GLY A 155 -5.59 0.36 23.77
N GLY A 156 -4.50 -0.38 23.53
CA GLY A 156 -4.45 -1.81 23.81
C GLY A 156 -5.21 -2.75 22.87
N TRP A 157 -4.88 -4.04 22.94
CA TRP A 157 -5.52 -5.03 22.05
C TRP A 157 -7.05 -5.11 22.18
N ALA A 158 -7.55 -4.96 23.39
CA ALA A 158 -9.01 -4.96 23.61
C ALA A 158 -9.73 -3.93 22.74
N GLU A 159 -9.18 -2.73 22.63
CA GLU A 159 -9.77 -1.68 21.80
C GLU A 159 -9.72 -2.01 20.31
N PHE A 160 -8.58 -2.48 19.86
CA PHE A 160 -8.48 -2.94 18.50
C PHE A 160 -9.59 -3.92 18.16
N THR A 161 -9.73 -4.95 19.01
CA THR A 161 -10.71 -6.02 18.80
C THR A 161 -12.11 -5.44 18.71
N ALA A 162 -12.40 -4.50 19.60
CA ALA A 162 -13.68 -3.81 19.64
C ALA A 162 -13.92 -3.04 18.35
N LEU A 163 -12.90 -2.33 17.89
CA LEU A 163 -13.01 -1.56 16.65
C LEU A 163 -13.15 -2.44 15.40
N TYR A 164 -12.41 -3.54 15.34
CA TYR A 164 -12.34 -4.31 14.10
C TYR A 164 -13.16 -5.59 14.08
N GLY A 165 -13.59 -6.05 15.24
CA GLY A 165 -14.37 -7.27 15.33
C GLY A 165 -15.87 -7.01 15.41
N ASP A 166 -16.68 -7.95 15.41
N ALA B 20 3.66 27.92 -11.45
CA ALA B 20 3.50 26.51 -11.14
C ALA B 20 3.43 25.66 -12.41
N PRO B 21 3.98 24.44 -12.35
CA PRO B 21 4.04 23.49 -13.47
C PRO B 21 2.66 23.06 -13.96
N ASP B 22 2.59 22.60 -15.21
CA ASP B 22 1.33 22.11 -15.77
C ASP B 22 0.95 20.73 -15.21
N THR B 23 0.13 20.75 -14.17
CA THR B 23 -0.35 19.53 -13.55
C THR B 23 -0.89 18.52 -14.57
N ARG B 24 -1.65 19.02 -15.55
CA ARG B 24 -2.16 18.16 -16.61
C ARG B 24 -1.08 17.30 -17.21
N ALA B 25 0.02 17.96 -17.60
CA ALA B 25 1.08 17.24 -18.27
C ALA B 25 1.80 16.29 -17.32
N LEU B 26 1.85 16.63 -16.04
CA LEU B 26 2.45 15.72 -15.05
C LEU B 26 1.60 14.47 -14.95
N VAL B 27 0.34 14.64 -14.53
CA VAL B 27 -0.60 13.53 -14.41
C VAL B 27 -0.55 12.66 -15.65
N ALA B 28 -0.66 13.27 -16.83
CA ALA B 28 -0.70 12.49 -18.06
C ALA B 28 0.60 11.72 -18.34
N ASP B 29 1.75 12.32 -18.02
CA ASP B 29 3.00 11.61 -18.22
C ASP B 29 3.08 10.39 -17.28
N PHE B 30 2.77 10.59 -16.00
CA PHE B 30 2.86 9.48 -15.04
C PHE B 30 1.90 8.34 -15.39
N VAL B 31 0.62 8.66 -15.50
CA VAL B 31 -0.39 7.67 -15.90
C VAL B 31 -0.02 6.98 -17.21
N GLY B 32 0.35 7.75 -18.22
CA GLY B 32 0.72 7.16 -19.48
C GLY B 32 1.94 6.27 -19.34
N TYR B 33 2.90 6.71 -18.52
CA TYR B 33 4.08 5.90 -18.23
C TYR B 33 3.66 4.55 -17.62
N LYS B 34 2.83 4.62 -16.59
CA LYS B 34 2.38 3.39 -15.92
C LYS B 34 1.57 2.47 -16.83
N LEU B 35 0.65 3.02 -17.62
CA LEU B 35 -0.17 2.18 -18.51
C LEU B 35 0.68 1.37 -19.50
N ARG B 36 1.71 1.99 -20.06
CA ARG B 36 2.57 1.30 -21.01
C ARG B 36 3.47 0.31 -20.30
N GLN B 37 3.96 0.69 -19.14
CA GLN B 37 4.82 -0.17 -18.35
C GLN B 37 4.11 -1.50 -18.10
N LYS B 38 2.81 -1.40 -17.83
CA LYS B 38 2.02 -2.56 -17.42
C LYS B 38 1.40 -3.26 -18.63
N GLY B 39 1.49 -2.62 -19.78
CA GLY B 39 1.01 -3.20 -21.03
C GLY B 39 -0.45 -2.97 -21.37
N TYR B 40 -1.04 -1.93 -20.80
CA TYR B 40 -2.43 -1.60 -21.14
C TYR B 40 -2.52 -0.71 -22.37
N VAL B 41 -1.48 0.08 -22.61
CA VAL B 41 -1.42 0.93 -23.80
C VAL B 41 -0.07 0.84 -24.50
N SER B 42 -0.01 1.33 -25.74
CA SER B 42 1.19 1.31 -26.56
C SER B 42 1.20 2.48 -27.54
N GLY B 43 2.32 2.65 -28.24
CA GLY B 43 2.42 3.69 -29.24
C GLY B 43 2.80 5.04 -28.66
N ALA B 44 2.65 6.08 -29.46
CA ALA B 44 3.06 7.43 -29.05
C ALA B 44 2.07 8.08 -28.11
N GLY B 45 2.44 9.24 -27.58
CA GLY B 45 1.62 9.94 -26.62
C GLY B 45 2.36 10.13 -25.31
N PRO B 46 1.69 10.75 -24.33
CA PRO B 46 2.30 10.99 -23.02
C PRO B 46 2.75 9.70 -22.34
N GLY B 47 3.95 9.73 -21.75
CA GLY B 47 4.46 8.59 -21.01
C GLY B 47 5.31 7.71 -21.88
N GLU B 48 5.38 8.07 -23.16
CA GLU B 48 6.19 7.32 -24.11
C GLU B 48 7.64 7.78 -24.05
N GLY B 49 8.55 6.81 -24.01
CA GLY B 49 9.97 7.10 -23.86
C GLY B 49 10.25 7.89 -22.61
N PRO B 50 11.50 8.32 -22.44
CA PRO B 50 11.96 9.05 -21.26
C PRO B 50 11.13 10.29 -20.97
N ALA B 51 11.11 10.70 -19.71
CA ALA B 51 10.42 11.92 -19.35
C ALA B 51 11.22 13.09 -19.87
N ALA B 52 10.55 14.11 -20.38
CA ALA B 52 11.22 15.29 -20.87
C ALA B 52 10.94 16.46 -19.93
N ASP B 53 11.29 16.29 -18.66
CA ASP B 53 10.96 17.27 -17.64
C ASP B 53 11.27 16.63 -16.31
N PRO B 54 12.15 17.27 -15.53
CA PRO B 54 12.69 16.63 -14.32
C PRO B 54 11.60 16.31 -13.31
N LEU B 55 10.53 17.10 -13.29
CA LEU B 55 9.42 16.83 -12.39
C LEU B 55 8.72 15.55 -12.82
N HIS B 56 8.58 15.38 -14.13
CA HIS B 56 8.04 14.17 -14.70
C HIS B 56 8.91 12.97 -14.35
N GLN B 57 10.22 13.13 -14.46
CA GLN B 57 11.13 12.02 -14.19
C GLN B 57 11.11 11.64 -12.71
N ALA B 58 11.04 12.65 -11.85
CA ALA B 58 10.99 12.43 -10.42
C ALA B 58 9.73 11.66 -10.02
N MET B 59 8.59 11.98 -10.63
CA MET B 59 7.37 11.28 -10.25
C MET B 59 7.38 9.85 -10.75
N ARG B 60 7.91 9.63 -11.94
CA ARG B 60 8.07 8.30 -12.46
C ARG B 60 8.91 7.45 -11.51
N ALA B 61 10.01 8.03 -11.03
CA ALA B 61 10.94 7.33 -10.17
C ALA B 61 10.32 7.10 -8.80
N ALA B 62 9.60 8.09 -8.28
CA ALA B 62 8.88 7.94 -7.03
C ALA B 62 7.87 6.79 -7.09
N GLY B 63 7.16 6.70 -8.21
CA GLY B 63 6.15 5.67 -8.40
C GLY B 63 6.75 4.29 -8.58
N ASP B 64 7.80 4.19 -9.38
CA ASP B 64 8.51 2.91 -9.51
C ASP B 64 9.06 2.43 -8.16
N GLU B 65 9.60 3.35 -7.37
CA GLU B 65 10.15 2.99 -6.05
C GLU B 65 9.05 2.44 -5.18
N PHE B 66 7.97 3.20 -5.08
CA PHE B 66 6.77 2.82 -4.34
C PHE B 66 6.27 1.41 -4.68
N GLU B 67 6.13 1.13 -5.96
CA GLU B 67 5.59 -0.17 -6.40
C GLU B 67 6.57 -1.32 -6.32
N THR B 68 7.87 -1.04 -6.23
CA THR B 68 8.86 -2.10 -6.09
C THR B 68 9.37 -2.25 -4.63
N ARG B 69 8.91 -1.40 -3.73
CA ARG B 69 9.38 -1.43 -2.33
C ARG B 69 9.25 -2.82 -1.67
N PHE B 70 8.08 -3.44 -1.77
CA PHE B 70 7.90 -4.73 -1.14
C PHE B 70 8.89 -5.76 -1.68
N ARG B 71 8.97 -5.87 -2.99
CA ARG B 71 9.88 -6.85 -3.58
C ARG B 71 11.36 -6.62 -3.16
N ARG B 72 11.81 -5.37 -3.14
CA ARG B 72 13.20 -5.10 -2.75
C ARG B 72 13.40 -5.44 -1.27
N THR B 73 12.38 -5.16 -0.46
CA THR B 73 12.48 -5.43 0.97
C THR B 73 12.62 -6.93 1.20
N PHE B 74 11.83 -7.70 0.48
CA PHE B 74 11.88 -9.14 0.66
C PHE B 74 13.29 -9.66 0.31
N SER B 75 13.81 -9.21 -0.83
CA SER B 75 15.14 -9.63 -1.27
C SER B 75 16.21 -9.22 -0.27
N ASP B 76 16.10 -8.00 0.24
CA ASP B 76 17.07 -7.55 1.23
C ASP B 76 17.05 -8.45 2.46
N LEU B 77 15.86 -8.76 2.95
CA LEU B 77 15.73 -9.59 4.15
C LEU B 77 16.20 -11.01 3.89
N ALA B 78 15.88 -11.57 2.72
CA ALA B 78 16.34 -12.90 2.33
C ALA B 78 17.87 -12.93 2.26
N ALA B 79 18.44 -11.87 1.69
CA ALA B 79 19.89 -11.72 1.66
C ALA B 79 20.48 -11.72 3.07
N GLN B 80 20.09 -10.74 3.88
CA GLN B 80 20.61 -10.63 5.25
C GLN B 80 20.58 -11.95 5.98
N LEU B 81 19.69 -12.83 5.58
CA LEU B 81 19.44 -14.05 6.32
C LEU B 81 20.73 -14.87 6.44
N HIS B 82 21.73 -14.46 5.66
CA HIS B 82 23.05 -15.08 5.69
C HIS B 82 24.15 -14.08 5.33
N VAL B 83 24.01 -12.85 5.81
CA VAL B 83 25.15 -11.97 6.00
C VAL B 83 25.63 -12.38 7.38
N THR B 84 25.19 -11.67 8.42
CA THR B 84 25.49 -12.07 9.80
C THR B 84 24.20 -12.37 10.56
N PRO B 85 24.26 -13.30 11.54
CA PRO B 85 23.07 -13.65 12.32
C PRO B 85 22.53 -12.44 13.11
N GLY B 86 21.21 -12.24 13.02
CA GLY B 86 20.54 -11.16 13.74
C GLY B 86 20.39 -10.00 12.79
N SER B 87 21.15 -10.07 11.70
CA SER B 87 21.17 -9.03 10.68
C SER B 87 19.82 -8.90 9.98
N ALA B 88 19.20 -10.03 9.66
CA ALA B 88 17.92 -9.99 8.98
C ALA B 88 16.87 -9.48 9.96
N GLN B 89 16.90 -9.97 11.19
CA GLN B 89 15.96 -9.47 12.20
C GLN B 89 16.09 -7.96 12.47
N GLN B 90 17.32 -7.43 12.44
CA GLN B 90 17.51 -5.99 12.68
C GLN B 90 16.99 -5.12 11.51
N ARG B 91 17.22 -5.60 10.30
CA ARG B 91 16.68 -4.95 9.12
C ARG B 91 15.13 -5.02 9.09
N PHE B 92 14.56 -6.17 9.45
CA PHE B 92 13.10 -6.26 9.56
C PHE B 92 12.56 -5.19 10.53
N THR B 93 13.25 -5.00 11.65
CA THR B 93 12.80 -4.03 12.64
C THR B 93 12.84 -2.63 12.07
N GLN B 94 13.95 -2.29 11.43
CA GLN B 94 14.10 -0.99 10.78
C GLN B 94 12.98 -0.71 9.77
N VAL B 95 12.73 -1.65 8.87
CA VAL B 95 11.71 -1.41 7.85
C VAL B 95 10.31 -1.36 8.46
N SER B 96 10.05 -2.23 9.44
CA SER B 96 8.77 -2.22 10.13
C SER B 96 8.52 -0.89 10.85
N ASP B 97 9.55 -0.35 11.49
CA ASP B 97 9.45 0.96 12.13
C ASP B 97 8.88 2.03 11.18
N GLU B 98 9.26 1.96 9.90
CA GLU B 98 8.83 2.96 8.90
C GLU B 98 7.33 2.97 8.66
N LEU B 99 6.70 1.81 8.82
CA LEU B 99 5.26 1.70 8.70
C LEU B 99 4.57 2.50 9.78
N PHE B 100 5.25 2.64 10.92
CA PHE B 100 4.63 3.32 12.04
C PHE B 100 5.07 4.78 12.12
N GLN B 101 6.23 5.07 11.55
CA GLN B 101 6.64 6.45 11.45
C GLN B 101 5.93 7.03 10.23
N GLY B 102 6.02 6.31 9.13
CA GLY B 102 5.59 6.79 7.83
C GLY B 102 6.81 7.22 7.04
N GLY B 103 6.61 7.50 5.76
CA GLY B 103 7.65 8.14 4.97
C GLY B 103 7.42 9.64 4.99
N PRO B 104 8.22 10.39 4.22
CA PRO B 104 7.98 11.84 4.10
C PRO B 104 6.51 12.11 3.77
N ASN B 105 6.03 13.32 4.07
CA ASN B 105 4.68 13.70 3.67
C ASN B 105 4.51 13.68 2.16
N TRP B 106 5.61 13.90 1.44
CA TRP B 106 5.60 13.78 -0.01
C TRP B 106 5.17 12.37 -0.42
N GLY B 107 5.26 11.44 0.53
CA GLY B 107 4.92 10.06 0.31
C GLY B 107 3.44 9.85 0.01
N ARG B 108 2.58 10.69 0.60
CA ARG B 108 1.14 10.58 0.38
C ARG B 108 0.76 11.12 -1.00
N LEU B 109 1.57 12.00 -1.53
CA LEU B 109 1.36 12.48 -2.89
C LEU B 109 1.78 11.40 -3.88
N VAL B 110 2.89 10.72 -3.58
CA VAL B 110 3.33 9.61 -4.41
C VAL B 110 2.25 8.52 -4.40
N ALA B 111 1.78 8.17 -3.20
CA ALA B 111 0.67 7.24 -3.02
C ALA B 111 -0.52 7.63 -3.89
N PHE B 112 -0.82 8.92 -3.92
CA PHE B 112 -1.98 9.42 -4.66
C PHE B 112 -1.82 9.19 -6.16
N PHE B 113 -0.67 9.59 -6.72
CA PHE B 113 -0.37 9.34 -8.13
C PHE B 113 -0.42 7.85 -8.48
N VAL B 114 0.13 7.00 -7.61
CA VAL B 114 0.12 5.57 -7.83
C VAL B 114 -1.33 5.04 -7.84
N PHE B 115 -2.14 5.53 -6.91
CA PHE B 115 -3.55 5.19 -6.79
C PHE B 115 -4.29 5.57 -8.05
N GLY B 116 -4.13 6.82 -8.49
CA GLY B 116 -4.70 7.26 -9.76
C GLY B 116 -4.34 6.41 -10.95
N ALA B 117 -3.06 6.08 -11.07
CA ALA B 117 -2.61 5.26 -12.20
C ALA B 117 -3.19 3.85 -12.12
N ALA B 118 -3.36 3.31 -10.91
CA ALA B 118 -3.96 1.99 -10.75
C ALA B 118 -5.45 2.03 -11.13
N LEU B 119 -6.12 3.13 -10.82
CA LEU B 119 -7.53 3.29 -11.22
C LEU B 119 -7.62 3.28 -12.74
N CYS B 120 -6.70 3.96 -13.39
CA CYS B 120 -6.67 3.94 -14.85
C CYS B 120 -6.41 2.55 -15.40
N ALA B 121 -5.47 1.83 -14.80
CA ALA B 121 -5.13 0.51 -15.31
C ALA B 121 -6.30 -0.47 -15.21
N GLU B 122 -6.99 -0.47 -14.08
CA GLU B 122 -8.19 -1.29 -13.87
C GLU B 122 -9.32 -0.91 -14.86
N SER B 123 -9.49 0.39 -15.13
CA SER B 123 -10.39 0.87 -16.18
C SER B 123 -10.14 0.21 -17.51
N VAL B 124 -8.91 0.29 -17.98
CA VAL B 124 -8.54 -0.33 -19.25
C VAL B 124 -8.75 -1.83 -19.15
N ASN B 125 -8.50 -2.39 -17.98
CA ASN B 125 -8.63 -3.82 -17.74
C ASN B 125 -10.10 -4.30 -17.78
N LYS B 126 -11.01 -3.43 -17.34
CA LYS B 126 -12.45 -3.77 -17.27
C LYS B 126 -13.20 -3.06 -18.39
N GLU B 127 -12.48 -2.74 -19.46
CA GLU B 127 -13.06 -2.17 -20.67
C GLU B 127 -13.92 -0.93 -20.45
N MET B 128 -13.44 -0.05 -19.57
CA MET B 128 -14.03 1.27 -19.37
C MET B 128 -12.99 2.34 -19.71
N GLU B 129 -12.49 2.28 -20.95
CA GLU B 129 -11.39 3.13 -21.38
C GLU B 129 -11.64 4.62 -21.14
N PRO B 130 -12.85 5.11 -21.47
CA PRO B 130 -13.09 6.53 -21.21
C PRO B 130 -12.88 6.93 -19.75
N LEU B 131 -12.90 5.97 -18.84
CA LEU B 131 -12.72 6.26 -17.41
C LEU B 131 -11.31 6.81 -17.15
N VAL B 132 -10.35 6.36 -17.96
CA VAL B 132 -8.96 6.79 -17.89
C VAL B 132 -8.83 8.30 -18.05
N GLY B 133 -9.37 8.81 -19.15
CA GLY B 133 -9.40 10.23 -19.38
C GLY B 133 -10.04 11.02 -18.25
N GLN B 134 -11.11 10.51 -17.67
CA GLN B 134 -11.78 11.28 -16.62
C GLN B 134 -11.09 11.17 -15.25
N VAL B 135 -10.46 10.03 -14.99
CA VAL B 135 -9.65 9.89 -13.77
C VAL B 135 -8.54 10.94 -13.77
N GLN B 136 -7.81 11.04 -14.88
CA GLN B 136 -6.76 12.03 -15.01
C GLN B 136 -7.30 13.42 -14.72
N GLU B 137 -8.43 13.75 -15.34
CA GLU B 137 -9.03 15.06 -15.15
C GLU B 137 -9.36 15.30 -13.67
N TRP B 138 -9.98 14.31 -13.03
CA TRP B 138 -10.25 14.37 -11.60
C TRP B 138 -8.97 14.57 -10.79
N MET B 139 -7.89 13.93 -11.25
CA MET B 139 -6.61 14.07 -10.56
C MET B 139 -6.11 15.51 -10.65
N VAL B 140 -6.00 15.99 -11.89
CA VAL B 140 -5.56 17.37 -12.12
C VAL B 140 -6.35 18.32 -11.24
N GLU B 141 -7.66 18.15 -11.24
CA GLU B 141 -8.52 19.09 -10.53
C GLU B 141 -8.36 18.97 -9.01
N TYR B 142 -8.13 17.77 -8.52
CA TYR B 142 -7.90 17.58 -7.09
C TYR B 142 -6.60 18.28 -6.63
N LEU B 143 -5.56 18.12 -7.44
CA LEU B 143 -4.26 18.74 -7.16
C LEU B 143 -4.34 20.26 -7.22
N GLU B 144 -5.11 20.78 -8.18
CA GLU B 144 -5.24 22.23 -8.36
C GLU B 144 -6.02 22.91 -7.25
N THR B 145 -7.01 22.22 -6.70
CA THR B 145 -7.86 22.82 -5.69
C THR B 145 -7.51 22.34 -4.28
N ARG B 146 -7.54 21.03 -4.08
CA ARG B 146 -7.39 20.44 -2.76
C ARG B 146 -5.97 20.52 -2.20
N LEU B 147 -4.98 20.22 -3.03
CA LEU B 147 -3.60 20.12 -2.56
C LEU B 147 -2.80 21.37 -2.89
N ALA B 148 -3.44 22.39 -3.44
CA ALA B 148 -2.73 23.60 -3.79
C ALA B 148 -1.86 24.04 -2.63
N ASP B 149 -2.45 24.11 -1.44
CA ASP B 149 -1.76 24.64 -0.26
C ASP B 149 -0.82 23.62 0.39
N TRP B 150 -1.23 22.36 0.39
CA TRP B 150 -0.41 21.29 0.93
C TRP B 150 0.90 21.17 0.16
N ILE B 151 0.81 21.34 -1.16
CA ILE B 151 1.96 21.20 -2.04
C ILE B 151 2.88 22.39 -1.88
N HIS B 152 2.30 23.58 -2.02
CA HIS B 152 3.07 24.81 -1.91
C HIS B 152 3.75 24.88 -0.55
N SER B 153 3.03 24.46 0.49
CA SER B 153 3.57 24.40 1.84
C SER B 153 4.80 23.52 1.94
N SER B 154 4.66 22.27 1.51
CA SER B 154 5.70 21.25 1.67
C SER B 154 7.01 21.62 0.96
N GLY B 155 6.97 22.66 0.13
CA GLY B 155 8.15 23.12 -0.57
C GLY B 155 7.93 23.27 -2.05
N GLY B 156 6.70 22.97 -2.48
CA GLY B 156 6.36 23.04 -3.89
C GLY B 156 6.93 21.89 -4.70
N TRP B 157 6.50 21.83 -5.95
CA TRP B 157 6.94 20.79 -6.88
C TRP B 157 8.46 20.78 -7.03
N ALA B 158 9.09 21.93 -6.85
CA ALA B 158 10.54 22.04 -6.97
C ALA B 158 11.23 21.22 -5.89
N GLU B 159 10.76 21.38 -4.66
CA GLU B 159 11.26 20.58 -3.57
C GLU B 159 11.07 19.10 -3.89
N PHE B 160 9.87 18.73 -4.36
CA PHE B 160 9.63 17.34 -4.74
C PHE B 160 10.71 16.84 -5.68
N THR B 161 10.93 17.58 -6.76
CA THR B 161 11.86 17.16 -7.82
C THR B 161 13.28 16.96 -7.31
N ALA B 162 13.61 17.65 -6.23
CA ALA B 162 14.94 17.55 -5.64
C ALA B 162 15.10 16.23 -4.93
N LEU B 163 14.12 15.93 -4.07
CA LEU B 163 14.17 14.72 -3.27
C LEU B 163 14.05 13.45 -4.09
N TYR B 164 13.27 13.48 -5.18
CA TYR B 164 12.99 12.25 -5.94
C TYR B 164 13.66 12.15 -7.32
N GLY B 165 14.07 13.26 -7.89
CA GLY B 165 14.43 13.31 -9.30
C GLY B 165 15.85 12.94 -9.69
N ASP B 166 16.78 13.02 -8.77
CA ASP B 166 18.18 12.81 -9.11
C ASP B 166 18.75 14.04 -9.81
C1 PEG C . 2.41 -1.91 3.63
O1 PEG C . 1.49 -0.81 3.57
C2 PEG C . 1.70 -3.23 3.88
O2 PEG C . 2.41 -4.24 3.15
C3 PEG C . 1.65 -4.78 2.06
C4 PEG C . 2.53 -4.99 0.84
O4 PEG C . 1.92 -5.98 0.00
C1 PEG D . -22.67 4.17 -5.14
O1 PEG D . -21.98 3.19 -4.36
C2 PEG D . -23.43 3.48 -6.27
O2 PEG D . -24.58 4.25 -6.61
C3 PEG D . -25.64 4.02 -5.67
C4 PEG D . -26.33 5.36 -5.43
O4 PEG D . -27.72 5.15 -5.62
C1 PEG E . -4.37 0.14 -0.26
O1 PEG E . -4.34 -0.09 1.16
C2 PEG E . -5.70 0.75 -0.72
O2 PEG E . -5.52 1.56 -1.88
C3 PEG E . -6.74 2.15 -2.33
C4 PEG E . -6.72 3.66 -2.13
O4 PEG E . -7.84 4.03 -1.33
C1 PGE F . 4.11 0.10 -0.27
O1 PGE F . 4.64 1.36 0.19
C2 PGE F . 5.10 -1.02 -0.04
O2 PGE F . 4.73 -1.70 1.16
C3 PGE F . 5.52 -2.85 1.43
C4 PGE F . 6.85 -2.42 2.01
O4 PGE F . 6.04 0.64 3.20
C6 PGE F . 6.99 0.19 4.19
C5 PGE F . 7.64 -1.15 3.81
O3 PGE F . 6.68 -2.12 3.40
C1 PEG G . -2.91 0.28 -5.22
O1 PEG G . -3.11 -0.37 -3.96
C2 PEG G . -2.95 1.80 -5.07
O2 PEG G . -2.03 2.27 -4.09
C3 PEG G . -2.21 3.66 -3.79
C4 PEG G . -2.50 3.90 -2.31
O4 PEG G . -1.60 3.16 -1.49
C1 PEG H . 25.75 -18.09 21.76
O1 PEG H . 27.15 -18.34 21.99
C2 PEG H . 25.30 -18.65 20.40
O2 PEG H . 25.55 -17.65 19.42
C3 PEG H . 24.75 -17.70 18.23
C4 PEG H . 24.95 -16.36 17.54
O4 PEG H . 25.46 -16.54 16.22
#